data_7B6Z
#
_entry.id   7B6Z
#
_cell.length_a   1.00
_cell.length_b   1.00
_cell.length_c   1.00
_cell.angle_alpha   90.00
_cell.angle_beta   90.00
_cell.angle_gamma   90.00
#
_symmetry.space_group_name_H-M   'P 1'
#
_entity_poly.entity_id   1
_entity_poly.type   'polypeptide(L)'
_entity_poly.pdbx_seq_one_letter_code
;MTMDATALPSELLVTPQPLVGFCGLDTARVSVHKAVWEAFSGSLQRKAADRAAVQYKLLPPNYEFPVAKPKRASYEWYHP
KGILKRNWMLKHLHVLPSVVVLFQDMEWNDLQWTEKQVQCAAIVQALKNTLQERNTRLCLVLLQRAAPLPPGEDLLAAER
AASLTNACGITSKMLFILPHTEHLTGYALRLESAFLDMAQSYYALMSKRIRNHRDQLTAAHTSLKIRHQFKLGFVAEMRQ
DFSTGQKHYFQAYANLDEIRINDGNCLEIKTLAGFLNYKICRLMFKLKTPRDAINQFIIHVEKHKSRVGFKDLAFEHHAW
LSTQHSVFAELFCEAIKNGLPALQTQHPGIYYHKAAEFVMKRRDAAMEAYAAMQASSEATPTPIQNPLSLYTEFFGIRAV
KTGDLVAEQQANMQLCDQERSYNHSAAIIALLSQAMAQFKIYKCLRFRKKLAIDMAEEYLKSGDHAKALTLYSLMLPDYR
QEKWTTIFTDVLLKTLRCALLSGSVADYIACSVEALSLRHQSDQSERILILENLWQVFQGVPPMPKTQLTPEAQALWTSA
LANVKSPIQIDLDKVNDVVEMCATFERVQLSNDDLLQLQLIVRVLTDIPLRIRSFHVILADAGNPQNSYKLEALKYFCFP
TLTQLRGQKQPDDEQLENPSQEPKNFEKNMRLEPGSYYQLFCSTEAQQFHENTQLRIVRLEAHMGTDQVAALLTCSSN
;
_entity_poly.pdbx_strand_id   A
#
# COMPACT_ATOMS: atom_id res chain seq x y z
N MET A 1 3.77 33.69 -9.44
CA MET A 1 4.18 34.82 -8.62
C MET A 1 3.58 34.68 -7.23
N THR A 2 2.27 34.85 -7.14
CA THR A 2 1.53 34.59 -5.93
C THR A 2 0.82 33.23 -5.97
N MET A 3 0.62 32.69 -7.16
CA MET A 3 -0.01 31.39 -7.30
C MET A 3 1.04 30.30 -7.01
N ASP A 4 0.55 29.09 -6.74
CA ASP A 4 1.44 28.00 -6.41
C ASP A 4 2.34 27.65 -7.59
N ALA A 5 3.56 27.22 -7.28
CA ALA A 5 4.44 26.72 -8.33
C ALA A 5 3.78 25.58 -9.08
N THR A 6 3.57 24.46 -8.41
CA THR A 6 2.96 23.28 -9.01
C THR A 6 1.93 22.72 -8.04
N ALA A 7 0.82 22.19 -8.57
CA ALA A 7 -0.25 21.67 -7.73
C ALA A 7 -0.65 20.24 -8.04
N LEU A 8 0.22 19.45 -8.69
CA LEU A 8 -0.16 18.10 -9.11
C LEU A 8 0.30 17.07 -8.08
N PRO A 9 -0.61 16.44 -7.34
CA PRO A 9 -0.21 15.31 -6.51
C PRO A 9 0.04 14.08 -7.37
N SER A 10 0.95 13.23 -6.89
CA SER A 10 1.37 12.03 -7.60
C SER A 10 1.74 12.35 -9.05
N GLU A 11 2.59 13.35 -9.22
CA GLU A 11 3.08 13.70 -10.54
C GLU A 11 4.06 12.66 -11.03
N LEU A 12 3.83 12.16 -12.25
CA LEU A 12 4.71 11.19 -12.89
C LEU A 12 5.25 10.18 -11.89
N LEU A 13 4.34 9.62 -11.08
CA LEU A 13 4.74 8.52 -10.22
C LEU A 13 5.32 7.39 -11.05
N VAL A 14 4.85 7.25 -12.29
CA VAL A 14 5.44 6.30 -13.22
C VAL A 14 6.80 6.83 -13.67
N THR A 15 7.66 5.92 -14.08
CA THR A 15 8.96 6.31 -14.62
C THR A 15 8.74 7.25 -15.80
N PRO A 16 9.24 8.48 -15.76
CA PRO A 16 9.17 9.34 -16.94
C PRO A 16 9.94 8.71 -18.09
N GLN A 17 9.37 8.82 -19.28
CA GLN A 17 9.94 8.16 -20.45
C GLN A 17 9.69 9.03 -21.67
N PRO A 18 10.47 8.86 -22.74
CA PRO A 18 10.22 9.62 -23.96
C PRO A 18 8.85 9.30 -24.54
N LEU A 19 8.21 10.31 -25.10
CA LEU A 19 6.84 10.21 -25.58
C LEU A 19 6.73 10.81 -26.98
N VAL A 20 6.42 9.95 -27.95
CA VAL A 20 6.19 10.33 -29.33
C VAL A 20 4.73 10.10 -29.65
N GLY A 21 4.11 11.08 -30.28
CA GLY A 21 2.70 11.01 -30.61
C GLY A 21 2.47 11.26 -32.08
N PHE A 22 1.24 11.03 -32.51
CA PHE A 22 0.85 11.25 -33.89
C PHE A 22 -0.67 11.20 -34.03
N CYS A 23 -1.13 11.67 -35.20
CA CYS A 23 -2.52 12.07 -35.37
C CYS A 23 -3.47 10.89 -35.33
N GLY A 24 -4.68 11.14 -34.83
CA GLY A 24 -5.69 10.11 -34.77
C GLY A 24 -6.13 9.70 -36.17
N LEU A 25 -6.43 8.40 -36.32
CA LEU A 25 -6.65 7.77 -37.60
C LEU A 25 -7.85 6.82 -37.49
N ASP A 26 -8.50 6.57 -38.63
CA ASP A 26 -9.70 5.73 -38.64
C ASP A 26 -9.36 4.25 -38.55
N THR A 27 -10.40 3.44 -38.37
CA THR A 27 -10.21 2.04 -37.96
C THR A 27 -9.52 1.20 -39.01
N ALA A 28 -9.65 1.56 -40.29
CA ALA A 28 -9.15 0.69 -41.36
C ALA A 28 -7.68 0.93 -41.63
N ARG A 29 -7.26 2.19 -41.64
CA ARG A 29 -5.83 2.48 -41.73
C ARG A 29 -5.10 1.93 -40.53
N VAL A 30 -5.70 2.06 -39.34
CA VAL A 30 -5.12 1.42 -38.16
C VAL A 30 -5.25 -0.09 -38.25
N SER A 31 -6.19 -0.58 -39.06
CA SER A 31 -6.30 -2.02 -39.25
C SER A 31 -5.15 -2.56 -40.08
N VAL A 32 -4.73 -1.81 -41.09
CA VAL A 32 -3.51 -2.16 -41.80
C VAL A 32 -2.29 -1.91 -40.92
N HIS A 33 -2.38 -0.91 -40.05
CA HIS A 33 -1.34 -0.45 -39.15
C HIS A 33 -1.22 -1.33 -37.90
N LYS A 34 -2.13 -2.27 -37.72
CA LYS A 34 -2.08 -3.12 -36.54
C LYS A 34 -0.69 -3.74 -36.38
N ALA A 35 -0.26 -4.52 -37.38
CA ALA A 35 1.01 -5.22 -37.27
C ALA A 35 2.12 -4.27 -36.85
N VAL A 36 2.08 -3.03 -37.34
CA VAL A 36 3.05 -2.03 -36.92
C VAL A 36 2.87 -1.70 -35.44
N TRP A 37 1.62 -1.58 -34.98
CA TRP A 37 1.41 -1.23 -33.58
C TRP A 37 1.89 -2.33 -32.62
N GLU A 38 1.58 -3.59 -32.92
CA GLU A 38 2.12 -4.62 -32.00
C GLU A 38 3.60 -4.85 -32.25
N ALA A 39 4.12 -4.44 -33.41
CA ALA A 39 5.58 -4.36 -33.53
C ALA A 39 6.12 -3.34 -32.54
N PHE A 40 5.43 -2.21 -32.39
CA PHE A 40 5.80 -1.23 -31.37
C PHE A 40 5.75 -1.84 -29.97
N SER A 41 4.67 -2.58 -29.66
CA SER A 41 4.50 -3.12 -28.32
C SER A 41 5.31 -4.39 -28.10
N GLY A 42 6.02 -4.88 -29.11
CA GLY A 42 6.97 -5.95 -28.88
C GLY A 42 8.06 -5.56 -27.90
N SER A 43 8.41 -4.27 -27.88
CA SER A 43 9.30 -3.76 -26.85
C SER A 43 8.73 -4.04 -25.46
N LEU A 44 7.42 -3.82 -25.28
CA LEU A 44 6.76 -4.25 -24.06
C LEU A 44 6.90 -5.75 -23.88
N GLN A 45 6.70 -6.50 -24.96
CA GLN A 45 6.95 -7.95 -24.92
C GLN A 45 8.40 -8.25 -24.60
N ARG A 46 9.34 -7.58 -25.28
CA ARG A 46 10.74 -7.84 -25.00
C ARG A 46 11.17 -7.21 -23.68
N LYS A 47 12.42 -7.44 -23.31
CA LYS A 47 12.92 -6.93 -22.05
C LYS A 47 13.01 -5.41 -22.09
N ALA A 48 12.87 -4.80 -20.92
CA ALA A 48 12.71 -3.35 -20.83
C ALA A 48 13.92 -2.61 -21.38
N ALA A 49 15.13 -3.12 -21.10
CA ALA A 49 16.32 -2.51 -21.69
C ALA A 49 16.31 -2.65 -23.21
N ASP A 50 15.93 -3.83 -23.72
CA ASP A 50 15.76 -3.98 -25.16
C ASP A 50 14.67 -3.05 -25.68
N ARG A 51 13.67 -2.78 -24.85
CA ARG A 51 12.68 -1.77 -25.17
C ARG A 51 13.31 -0.39 -25.21
N ALA A 52 13.12 0.32 -26.31
CA ALA A 52 13.45 1.73 -26.33
C ALA A 52 12.51 2.48 -25.40
N ALA A 53 13.07 3.38 -24.61
CA ALA A 53 12.32 3.96 -23.49
C ALA A 53 11.14 4.77 -23.97
N VAL A 54 11.09 5.08 -25.27
CA VAL A 54 10.03 5.92 -25.82
C VAL A 54 8.66 5.32 -25.58
N GLN A 55 7.63 6.16 -25.61
CA GLN A 55 6.23 5.75 -25.54
C GLN A 55 5.40 6.47 -26.59
N TYR A 56 4.18 5.98 -26.80
CA TYR A 56 3.35 6.38 -27.95
C TYR A 56 2.05 6.96 -27.44
N LYS A 57 1.76 8.21 -27.81
CA LYS A 57 0.57 8.86 -27.26
C LYS A 57 -0.64 8.70 -28.18
N LEU A 58 -0.47 8.89 -29.49
CA LEU A 58 -1.57 8.76 -30.45
C LEU A 58 -2.72 9.73 -30.20
N LEU A 59 -2.46 11.04 -30.36
CA LEU A 59 -3.43 12.13 -30.29
C LEU A 59 -4.30 12.17 -31.55
N PRO A 60 -5.41 12.94 -31.54
CA PRO A 60 -6.27 13.14 -32.72
C PRO A 60 -5.54 13.82 -33.88
N GLU A 76 10.89 42.64 -11.09
CA GLU A 76 9.80 42.30 -11.97
C GLU A 76 10.29 41.91 -13.36
N TRP A 77 10.68 40.64 -13.50
CA TRP A 77 11.11 40.08 -14.77
C TRP A 77 9.94 39.32 -15.38
N TYR A 78 9.90 39.30 -16.71
CA TYR A 78 8.73 38.76 -17.40
C TYR A 78 8.66 37.24 -17.24
N HIS A 79 7.43 36.74 -17.20
CA HIS A 79 7.22 35.35 -16.83
C HIS A 79 7.69 34.41 -17.94
N PRO A 80 8.07 33.17 -17.61
CA PRO A 80 8.64 32.28 -18.61
C PRO A 80 7.57 31.67 -19.51
N LYS A 81 8.03 31.21 -20.67
CA LYS A 81 7.16 30.60 -21.68
C LYS A 81 7.21 29.08 -21.47
N GLY A 82 6.03 28.46 -21.41
CA GLY A 82 5.93 27.04 -21.19
C GLY A 82 6.27 26.60 -19.78
N ILE A 83 6.89 27.47 -18.99
CA ILE A 83 7.23 27.15 -17.62
C ILE A 83 6.33 27.87 -16.62
N LEU A 84 5.64 28.92 -17.04
CA LEU A 84 4.89 29.76 -16.11
C LEU A 84 3.85 28.95 -15.32
N LYS A 85 3.24 27.95 -15.94
CA LYS A 85 2.04 27.32 -15.39
C LYS A 85 2.29 25.87 -15.00
N ARG A 86 1.50 25.36 -14.04
CA ARG A 86 1.50 23.93 -13.76
C ARG A 86 0.73 23.17 -14.83
N ASN A 87 -0.16 23.85 -15.53
CA ASN A 87 -0.87 23.20 -16.63
C ASN A 87 -0.02 23.16 -17.88
N TRP A 88 0.72 24.25 -18.14
CA TRP A 88 1.83 24.18 -19.08
C TRP A 88 2.76 23.02 -18.73
N MET A 89 2.99 22.82 -17.43
CA MET A 89 3.84 21.73 -16.97
C MET A 89 3.24 20.38 -17.35
N LEU A 90 1.96 20.17 -17.00
CA LEU A 90 1.29 18.93 -17.34
C LEU A 90 1.28 18.71 -18.84
N LYS A 91 1.20 19.80 -19.60
CA LYS A 91 1.37 19.74 -21.04
C LYS A 91 2.77 19.22 -21.38
N HIS A 92 3.77 19.72 -20.67
CA HIS A 92 5.15 19.28 -20.89
C HIS A 92 5.29 17.79 -20.67
N LEU A 93 4.45 17.23 -19.80
CA LEU A 93 4.49 15.78 -19.58
C LEU A 93 4.19 15.01 -20.86
N HIS A 94 2.97 15.15 -21.39
CA HIS A 94 2.53 14.26 -22.45
C HIS A 94 1.90 15.00 -23.62
N VAL A 95 1.29 16.16 -23.36
CA VAL A 95 0.48 16.83 -24.38
C VAL A 95 1.34 17.23 -25.57
N LEU A 96 2.65 17.40 -25.37
CA LEU A 96 3.53 17.76 -26.46
C LEU A 96 4.56 16.65 -26.66
N PRO A 97 4.29 15.64 -27.48
CA PRO A 97 5.34 14.68 -27.81
C PRO A 97 6.53 15.37 -28.44
N SER A 98 7.72 14.86 -28.12
CA SER A 98 8.93 15.49 -28.65
C SER A 98 9.17 15.10 -30.10
N VAL A 99 8.47 14.07 -30.56
CA VAL A 99 8.49 13.69 -31.96
C VAL A 99 7.04 13.53 -32.41
N VAL A 100 6.73 14.02 -33.61
CA VAL A 100 5.46 13.72 -34.26
C VAL A 100 5.76 13.13 -35.62
N VAL A 101 5.08 12.04 -35.96
CA VAL A 101 5.28 11.38 -37.24
C VAL A 101 3.93 11.21 -37.92
N LEU A 102 3.82 11.70 -39.16
CA LEU A 102 2.60 11.57 -39.93
C LEU A 102 2.63 10.27 -40.70
N PHE A 103 1.55 9.51 -40.60
CA PHE A 103 1.48 8.14 -41.11
C PHE A 103 0.55 8.07 -42.31
N GLN A 104 1.12 7.79 -43.46
CA GLN A 104 0.39 7.26 -44.59
C GLN A 104 1.24 6.15 -45.20
N ASP A 105 0.79 5.60 -46.31
CA ASP A 105 1.61 4.63 -47.01
C ASP A 105 2.35 5.30 -48.16
N MET A 106 3.64 4.97 -48.30
CA MET A 106 4.40 5.45 -49.44
C MET A 106 4.16 4.44 -50.55
N GLU A 107 3.63 4.93 -51.66
CA GLU A 107 3.17 4.08 -52.74
C GLU A 107 3.26 4.87 -54.02
N TRP A 108 4.17 4.44 -54.90
CA TRP A 108 4.34 5.09 -56.19
C TRP A 108 3.11 4.74 -57.02
N ASN A 109 2.49 5.75 -57.62
CA ASN A 109 1.34 5.47 -58.46
C ASN A 109 1.29 6.41 -59.65
N ASP A 110 0.18 6.38 -60.38
CA ASP A 110 0.04 7.20 -61.57
C ASP A 110 -0.74 8.47 -61.25
N LEU A 111 -1.97 8.29 -60.77
CA LEU A 111 -2.78 9.44 -60.38
C LEU A 111 -2.95 9.48 -58.87
N GLN A 112 -3.19 8.31 -58.26
CA GLN A 112 -3.20 8.21 -56.81
C GLN A 112 -1.94 8.79 -56.21
N TRP A 113 -0.82 8.63 -56.90
CA TRP A 113 0.43 9.18 -56.41
C TRP A 113 0.33 10.69 -56.24
N THR A 114 -0.18 11.38 -57.26
CA THR A 114 -0.35 12.83 -57.20
C THR A 114 -1.37 13.22 -56.14
N GLU A 115 -2.46 12.46 -56.05
CA GLU A 115 -3.49 12.78 -55.08
C GLU A 115 -2.94 12.73 -53.66
N LYS A 116 -2.26 11.64 -53.33
CA LYS A 116 -1.64 11.51 -52.02
C LYS A 116 -0.58 12.59 -51.80
N GLN A 117 0.16 12.95 -52.86
CA GLN A 117 1.10 14.04 -52.71
C GLN A 117 0.40 15.31 -52.24
N VAL A 118 -0.65 15.71 -52.96
CA VAL A 118 -1.33 16.96 -52.62
C VAL A 118 -1.87 16.90 -51.20
N GLN A 119 -2.54 15.80 -50.86
CA GLN A 119 -3.21 15.73 -49.55
C GLN A 119 -2.19 15.63 -48.42
N CYS A 120 -1.18 14.78 -48.57
CA CYS A 120 -0.19 14.63 -47.52
C CYS A 120 0.57 15.93 -47.32
N ALA A 121 0.88 16.61 -48.41
CA ALA A 121 1.53 17.92 -48.31
C ALA A 121 0.68 18.89 -47.51
N ALA A 122 -0.61 18.99 -47.82
CA ALA A 122 -1.46 19.94 -47.11
C ALA A 122 -1.59 19.58 -45.63
N ILE A 123 -1.75 18.29 -45.33
CA ILE A 123 -1.98 17.90 -43.94
C ILE A 123 -0.71 18.11 -43.11
N VAL A 124 0.45 17.74 -43.65
CA VAL A 124 1.68 18.00 -42.92
C VAL A 124 1.95 19.49 -42.84
N GLN A 125 1.45 20.26 -43.81
CA GLN A 125 1.55 21.70 -43.73
C GLN A 125 0.82 22.23 -42.51
N ALA A 126 -0.45 21.85 -42.36
CA ALA A 126 -1.19 22.24 -41.16
C ALA A 126 -0.50 21.72 -39.90
N LEU A 127 0.02 20.50 -39.96
CA LEU A 127 0.65 19.88 -38.79
C LEU A 127 1.86 20.68 -38.34
N LYS A 128 2.70 21.11 -39.28
CA LYS A 128 3.86 21.92 -38.91
C LYS A 128 3.43 23.30 -38.46
N ASN A 129 2.39 23.86 -39.08
CA ASN A 129 1.82 25.10 -38.57
C ASN A 129 1.48 24.96 -37.09
N THR A 130 0.98 23.80 -36.70
CA THR A 130 0.72 23.53 -35.29
C THR A 130 2.01 23.35 -34.50
N LEU A 131 3.01 22.70 -35.08
CA LEU A 131 4.13 22.22 -34.27
C LEU A 131 5.23 23.24 -34.10
N GLN A 132 5.21 24.32 -34.89
CA GLN A 132 6.35 25.24 -34.87
C GLN A 132 6.60 25.81 -33.47
N GLU A 133 5.59 26.44 -32.87
CA GLU A 133 5.81 27.10 -31.59
C GLU A 133 6.23 26.10 -30.52
N ARG A 134 5.62 24.92 -30.55
CA ARG A 134 5.94 23.91 -29.54
C ARG A 134 7.24 23.19 -29.88
N ASN A 135 7.80 23.49 -31.05
CA ASN A 135 9.21 23.19 -31.37
C ASN A 135 9.47 21.71 -31.56
N THR A 136 8.44 20.88 -31.43
CA THR A 136 8.59 19.46 -31.73
C THR A 136 8.81 19.31 -33.22
N ARG A 137 9.87 18.58 -33.58
CA ARG A 137 10.12 18.37 -35.00
C ARG A 137 9.28 17.21 -35.52
N LEU A 138 8.90 17.34 -36.79
CA LEU A 138 7.87 16.50 -37.38
C LEU A 138 8.50 15.61 -38.43
N CYS A 139 8.87 14.41 -38.02
CA CYS A 139 9.56 13.45 -38.87
C CYS A 139 8.53 12.69 -39.68
N LEU A 140 8.85 12.41 -40.94
CA LEU A 140 7.89 11.82 -41.86
C LEU A 140 8.30 10.40 -42.23
N VAL A 141 7.47 9.44 -41.82
CA VAL A 141 7.73 8.03 -42.09
C VAL A 141 6.49 7.44 -42.72
N LEU A 142 6.66 6.74 -43.84
CA LEU A 142 5.56 6.32 -44.67
C LEU A 142 5.63 4.82 -44.89
N LEU A 143 4.48 4.16 -44.90
CA LEU A 143 4.41 2.71 -44.99
C LEU A 143 4.65 2.27 -46.43
N GLN A 144 5.28 1.12 -46.59
CA GLN A 144 5.35 0.44 -47.88
C GLN A 144 4.88 -0.99 -47.72
N ARG A 145 3.87 -1.38 -48.50
CA ARG A 145 3.55 -2.79 -48.62
C ARG A 145 4.11 -3.36 -49.91
N ALA A 146 4.58 -2.50 -50.80
CA ALA A 146 5.10 -2.96 -52.08
C ALA A 146 6.48 -3.57 -51.91
N ALA A 147 7.02 -4.07 -53.01
CA ALA A 147 8.36 -4.65 -52.98
C ALA A 147 9.39 -3.56 -52.66
N PRO A 148 10.49 -3.90 -51.99
CA PRO A 148 11.46 -2.87 -51.61
C PRO A 148 12.02 -2.15 -52.83
N LEU A 149 12.28 -0.85 -52.67
CA LEU A 149 12.79 -0.04 -53.77
C LEU A 149 14.30 0.00 -53.72
N PRO A 150 14.99 -0.33 -54.80
CA PRO A 150 16.44 -0.13 -54.86
C PRO A 150 16.77 1.35 -54.94
N PRO A 151 17.42 1.90 -53.91
CA PRO A 151 17.81 3.31 -53.98
C PRO A 151 18.76 3.54 -55.15
N GLY A 152 18.62 4.70 -55.78
CA GLY A 152 19.37 5.02 -56.96
C GLY A 152 18.76 4.52 -58.25
N GLU A 153 17.59 3.88 -58.21
CA GLU A 153 17.00 3.38 -59.44
C GLU A 153 15.87 4.25 -59.95
N ASP A 154 15.00 4.76 -59.06
CA ASP A 154 13.82 5.49 -59.50
C ASP A 154 14.06 7.00 -59.40
N LEU A 155 14.00 7.67 -60.55
CA LEU A 155 14.07 9.13 -60.55
C LEU A 155 12.71 9.73 -60.19
N LEU A 156 11.62 8.99 -60.40
CA LEU A 156 10.34 9.47 -59.93
C LEU A 156 10.28 9.46 -58.41
N ALA A 157 10.97 8.51 -57.77
CA ALA A 157 11.13 8.57 -56.33
C ALA A 157 11.91 9.82 -55.93
N ALA A 158 12.91 10.17 -56.74
CA ALA A 158 13.64 11.41 -56.50
C ALA A 158 12.73 12.61 -56.58
N GLU A 159 11.87 12.64 -57.60
CA GLU A 159 10.93 13.74 -57.74
C GLU A 159 9.96 13.76 -56.57
N ARG A 160 9.51 12.57 -56.14
CA ARG A 160 8.66 12.46 -54.99
C ARG A 160 9.33 13.07 -53.77
N ALA A 161 10.58 12.70 -53.53
CA ALA A 161 11.31 13.24 -52.41
C ALA A 161 11.41 14.76 -52.51
N ALA A 162 11.77 15.27 -53.69
CA ALA A 162 11.88 16.71 -53.85
C ALA A 162 10.55 17.39 -53.55
N SER A 163 9.48 16.90 -54.15
CA SER A 163 8.19 17.57 -54.01
C SER A 163 7.72 17.55 -52.56
N LEU A 164 7.85 16.41 -51.89
CA LEU A 164 7.36 16.33 -50.52
C LEU A 164 8.24 17.16 -49.58
N THR A 165 9.56 17.11 -49.78
CA THR A 165 10.45 17.90 -48.95
C THR A 165 10.17 19.39 -49.12
N ASN A 166 9.93 19.84 -50.35
CA ASN A 166 9.62 21.25 -50.56
C ASN A 166 8.16 21.54 -50.23
N ALA A 167 7.36 20.50 -50.08
CA ALA A 167 5.99 20.69 -49.66
C ALA A 167 5.93 21.29 -48.26
N CYS A 168 6.82 20.84 -47.38
CA CYS A 168 6.75 21.19 -45.97
C CYS A 168 8.08 21.54 -45.33
N GLY A 169 9.18 21.53 -46.08
CA GLY A 169 10.47 21.84 -45.50
C GLY A 169 11.10 20.73 -44.71
N ILE A 170 10.42 19.59 -44.59
CA ILE A 170 11.00 18.44 -43.91
C ILE A 170 12.05 17.80 -44.79
N THR A 171 13.24 17.59 -44.23
CA THR A 171 14.39 17.20 -45.04
C THR A 171 14.26 15.75 -45.50
N SER A 172 15.11 15.38 -46.46
CA SER A 172 15.10 14.03 -46.99
C SER A 172 15.45 13.01 -45.92
N LYS A 173 16.47 13.28 -45.11
CA LYS A 173 16.89 12.33 -44.10
C LYS A 173 15.76 12.03 -43.13
N MET A 174 14.90 13.02 -42.87
CA MET A 174 13.75 12.80 -42.00
C MET A 174 12.78 11.79 -42.61
N LEU A 175 12.63 11.82 -43.93
CA LEU A 175 11.75 10.87 -44.60
C LEU A 175 12.24 9.45 -44.34
N PHE A 176 11.29 8.54 -44.14
CA PHE A 176 11.60 7.14 -43.93
C PHE A 176 10.58 6.26 -44.65
N ILE A 177 10.92 4.99 -44.82
CA ILE A 177 10.10 4.02 -45.52
C ILE A 177 9.81 2.88 -44.55
N LEU A 178 8.59 2.36 -44.59
CA LEU A 178 8.21 1.27 -43.68
C LEU A 178 8.06 -0.03 -44.45
N PRO A 179 9.03 -0.94 -44.34
CA PRO A 179 8.96 -2.21 -45.07
C PRO A 179 8.18 -3.28 -44.36
N HIS A 180 8.22 -4.50 -44.90
CA HIS A 180 7.51 -5.62 -44.30
C HIS A 180 8.23 -6.11 -43.05
N THR A 181 7.55 -7.00 -42.33
CA THR A 181 7.92 -7.30 -40.94
C THR A 181 9.38 -7.71 -40.82
N GLU A 182 9.86 -8.58 -41.72
CA GLU A 182 11.23 -9.06 -41.61
C GLU A 182 12.21 -7.90 -41.67
N HIS A 183 11.83 -6.81 -42.34
CA HIS A 183 12.64 -5.61 -42.27
C HIS A 183 11.99 -4.57 -41.35
N LEU A 184 10.66 -4.59 -41.25
CA LEU A 184 9.95 -3.63 -40.42
C LEU A 184 10.42 -3.67 -38.98
N THR A 185 10.83 -4.84 -38.50
CA THR A 185 11.31 -4.92 -37.12
C THR A 185 12.54 -4.03 -36.91
N GLY A 186 13.58 -4.23 -37.72
CA GLY A 186 14.79 -3.44 -37.56
C GLY A 186 14.57 -1.97 -37.89
N TYR A 187 13.64 -1.69 -38.80
CA TYR A 187 13.43 -0.30 -39.19
C TYR A 187 12.54 0.43 -38.20
N ALA A 188 11.62 -0.28 -37.55
CA ALA A 188 10.95 0.31 -36.39
C ALA A 188 11.95 0.61 -35.30
N LEU A 189 12.92 -0.29 -35.10
CA LEU A 189 13.93 -0.04 -34.08
C LEU A 189 14.79 1.18 -34.41
N ARG A 190 15.24 1.30 -35.67
CA ARG A 190 16.03 2.48 -36.01
C ARG A 190 15.16 3.75 -35.98
N LEU A 191 13.86 3.59 -36.25
CA LEU A 191 12.93 4.69 -36.04
C LEU A 191 12.93 5.11 -34.58
N GLU A 192 12.87 4.13 -33.69
CA GLU A 192 12.99 4.38 -32.26
C GLU A 192 14.23 5.21 -31.97
N SER A 193 15.35 4.81 -32.56
CA SER A 193 16.61 5.52 -32.31
C SER A 193 16.52 6.96 -32.80
N ALA A 194 16.01 7.18 -34.00
CA ALA A 194 15.93 8.53 -34.54
C ALA A 194 15.01 9.40 -33.71
N PHE A 195 13.88 8.83 -33.28
CA PHE A 195 12.95 9.57 -32.44
C PHE A 195 13.62 9.95 -31.13
N LEU A 196 14.36 8.99 -30.55
CA LEU A 196 15.12 9.28 -29.33
C LEU A 196 16.07 10.44 -29.56
N ASP A 197 16.83 10.40 -30.65
CA ASP A 197 17.81 11.44 -30.92
C ASP A 197 17.16 12.81 -31.03
N MET A 198 16.08 12.90 -31.82
CA MET A 198 15.52 14.22 -32.04
C MET A 198 14.76 14.71 -30.81
N ALA A 199 14.15 13.79 -30.07
CA ALA A 199 13.56 14.16 -28.80
C ALA A 199 14.61 14.71 -27.86
N GLN A 200 15.78 14.06 -27.81
CA GLN A 200 16.85 14.53 -26.94
C GLN A 200 17.36 15.88 -27.36
N SER A 201 17.47 16.11 -28.67
CA SER A 201 17.86 17.43 -29.15
C SER A 201 16.84 18.47 -28.71
N TYR A 202 15.55 18.11 -28.80
CA TYR A 202 14.49 18.99 -28.33
C TYR A 202 14.65 19.28 -26.84
N TYR A 203 14.93 18.25 -26.06
CA TYR A 203 15.00 18.42 -24.62
C TYR A 203 16.20 19.27 -24.24
N ALA A 204 17.33 19.07 -24.91
CA ALA A 204 18.49 19.91 -24.68
C ALA A 204 18.18 21.36 -25.04
N LEU A 205 17.50 21.59 -26.15
CA LEU A 205 17.09 22.94 -26.51
C LEU A 205 16.18 23.53 -25.44
N MET A 206 15.28 22.71 -24.92
CA MET A 206 14.29 23.22 -23.98
C MET A 206 15.00 23.59 -22.68
N SER A 207 16.00 22.80 -22.31
CA SER A 207 16.85 23.12 -21.17
C SER A 207 17.65 24.39 -21.42
N LYS A 208 18.09 24.61 -22.66
CA LYS A 208 18.71 25.88 -23.01
C LYS A 208 17.76 27.03 -22.71
N ARG A 209 16.50 26.87 -23.13
CA ARG A 209 15.46 27.82 -22.77
C ARG A 209 15.44 28.05 -21.27
N ILE A 210 15.41 26.97 -20.50
CA ILE A 210 15.30 27.06 -19.05
C ILE A 210 16.46 27.87 -18.48
N ARG A 211 17.67 27.54 -18.91
CA ARG A 211 18.85 28.17 -18.34
C ARG A 211 18.90 29.65 -18.67
N ASN A 212 18.58 30.00 -19.92
CA ASN A 212 18.61 31.41 -20.33
C ASN A 212 17.52 32.20 -19.63
N HIS A 213 16.41 31.54 -19.29
CA HIS A 213 15.49 32.16 -18.34
C HIS A 213 16.12 32.31 -16.97
N ARG A 214 16.87 31.30 -16.54
CA ARG A 214 17.33 31.23 -15.16
C ARG A 214 18.30 32.36 -14.85
N ASP A 215 19.10 32.77 -15.84
CA ASP A 215 20.06 33.84 -15.62
C ASP A 215 19.38 35.10 -15.06
N GLN A 216 18.14 35.35 -15.46
CA GLN A 216 17.41 36.50 -14.95
C GLN A 216 16.54 36.11 -13.76
N LEU A 217 16.11 37.10 -12.99
CA LEU A 217 15.32 36.90 -11.79
C LEU A 217 14.25 37.97 -11.66
N THR A 218 13.13 37.60 -11.04
CA THR A 218 12.00 38.51 -10.79
C THR A 218 12.14 39.14 -9.41
N ALA A 219 13.32 39.70 -9.14
CA ALA A 219 13.62 40.35 -7.87
C ALA A 219 13.34 39.43 -6.68
N ALA A 220 14.09 38.33 -6.61
CA ALA A 220 14.10 37.43 -5.46
C ALA A 220 12.73 36.82 -5.19
N HIS A 221 12.17 36.18 -6.22
CA HIS A 221 10.98 35.37 -5.99
C HIS A 221 11.35 33.92 -5.72
N THR A 222 12.15 33.34 -6.61
CA THR A 222 12.83 32.06 -6.39
C THR A 222 11.84 30.92 -6.44
N SER A 223 10.54 31.24 -6.44
CA SER A 223 9.56 30.26 -6.83
C SER A 223 9.77 29.88 -8.28
N LEU A 224 10.03 30.89 -9.12
CA LEU A 224 10.39 30.66 -10.50
C LEU A 224 11.64 29.80 -10.57
N LYS A 225 12.57 30.02 -9.65
CA LYS A 225 13.79 29.22 -9.66
C LYS A 225 13.47 27.77 -9.38
N ILE A 226 12.57 27.53 -8.43
CA ILE A 226 12.14 26.17 -8.13
C ILE A 226 11.49 25.55 -9.36
N ARG A 227 10.62 26.31 -10.03
CA ARG A 227 9.99 25.80 -11.24
C ARG A 227 11.02 25.45 -12.27
N HIS A 228 12.08 26.26 -12.39
CA HIS A 228 13.10 25.98 -13.39
C HIS A 228 13.86 24.72 -13.05
N GLN A 229 14.27 24.57 -11.79
CA GLN A 229 14.92 23.32 -11.42
C GLN A 229 14.00 22.14 -11.63
N PHE A 230 12.72 22.29 -11.34
CA PHE A 230 11.82 21.15 -11.43
C PHE A 230 11.56 20.80 -12.90
N LYS A 231 11.44 21.80 -13.75
CA LYS A 231 11.34 21.55 -15.19
C LYS A 231 12.59 20.86 -15.70
N LEU A 232 13.76 21.33 -15.28
CA LEU A 232 14.98 20.68 -15.74
C LEU A 232 15.12 19.31 -15.09
N GLY A 233 14.42 19.09 -13.99
CA GLY A 233 14.33 17.75 -13.44
C GLY A 233 13.55 16.82 -14.35
N PHE A 234 12.36 17.26 -14.79
CA PHE A 234 11.75 16.61 -15.94
C PHE A 234 12.76 16.30 -17.02
N VAL A 235 13.53 17.31 -17.43
CA VAL A 235 14.40 17.09 -18.57
C VAL A 235 15.40 15.98 -18.30
N ALA A 236 16.12 16.09 -17.18
CA ALA A 236 17.19 15.13 -16.90
C ALA A 236 16.64 13.74 -16.67
N GLU A 237 15.61 13.65 -15.82
CA GLU A 237 14.90 12.39 -15.61
C GLU A 237 14.50 11.78 -16.94
N MET A 238 14.03 12.64 -17.85
CA MET A 238 13.54 12.18 -19.13
C MET A 238 14.67 11.61 -19.96
N ARG A 239 15.82 12.27 -19.90
CA ARG A 239 16.95 11.94 -20.75
C ARG A 239 17.86 10.88 -20.12
N GLN A 240 17.42 10.27 -19.02
CA GLN A 240 18.14 9.25 -18.27
C GLN A 240 19.42 9.80 -17.65
N ASP A 241 19.55 11.13 -17.55
CA ASP A 241 20.69 11.72 -16.89
C ASP A 241 20.67 11.41 -15.39
N PHE A 242 19.50 11.55 -14.77
CA PHE A 242 19.26 11.14 -13.40
C PHE A 242 20.03 11.98 -12.39
N SER A 243 20.88 12.88 -12.87
CA SER A 243 21.80 13.55 -11.97
C SER A 243 21.56 15.05 -11.94
N THR A 244 21.58 15.69 -13.11
CA THR A 244 21.35 17.13 -13.14
C THR A 244 20.01 17.47 -12.53
N GLY A 245 18.99 16.66 -12.82
CA GLY A 245 17.69 16.89 -12.24
C GLY A 245 17.71 16.79 -10.73
N GLN A 246 18.43 15.81 -10.18
CA GLN A 246 18.43 15.66 -8.74
C GLN A 246 19.20 16.78 -8.06
N LYS A 247 20.29 17.24 -8.70
CA LYS A 247 20.98 18.41 -8.18
C LYS A 247 20.03 19.59 -8.14
N HIS A 248 19.29 19.78 -9.23
CA HIS A 248 18.35 20.89 -9.30
C HIS A 248 17.28 20.77 -8.24
N TYR A 249 16.81 19.55 -7.99
CA TYR A 249 15.85 19.34 -6.93
C TYR A 249 16.41 19.72 -5.58
N PHE A 250 17.67 19.31 -5.31
CA PHE A 250 18.32 19.71 -4.07
C PHE A 250 18.32 21.22 -3.92
N GLN A 251 18.74 21.92 -4.98
CA GLN A 251 18.87 23.37 -4.91
C GLN A 251 17.51 24.03 -4.75
N ALA A 252 16.50 23.51 -5.44
CA ALA A 252 15.16 24.05 -5.32
C ALA A 252 14.63 23.87 -3.91
N TYR A 253 14.86 22.70 -3.32
CA TYR A 253 14.44 22.46 -1.95
C TYR A 253 15.18 23.37 -0.99
N ALA A 254 16.47 23.57 -1.21
CA ALA A 254 17.22 24.48 -0.37
C ALA A 254 16.64 25.89 -0.44
N ASN A 255 16.43 26.42 -1.64
CA ASN A 255 15.89 27.76 -1.78
C ASN A 255 14.47 27.83 -1.27
N LEU A 256 13.75 26.70 -1.31
CA LEU A 256 12.49 26.61 -0.59
C LEU A 256 12.71 26.89 0.88
N ASP A 257 13.73 26.26 1.45
CA ASP A 257 14.01 26.46 2.86
C ASP A 257 14.32 27.91 3.14
N GLU A 258 15.19 28.53 2.34
CA GLU A 258 15.58 29.90 2.64
C GLU A 258 14.35 30.80 2.64
N ILE A 259 13.34 30.43 1.87
CA ILE A 259 12.05 31.05 2.08
C ILE A 259 11.53 30.61 3.43
N ARG A 260 11.67 31.49 4.42
CA ARG A 260 11.11 31.21 5.73
C ARG A 260 9.61 31.39 5.67
N ILE A 261 8.87 30.57 6.43
CA ILE A 261 7.42 30.56 6.27
C ILE A 261 6.84 31.92 6.67
N ASN A 262 6.14 32.53 5.72
CA ASN A 262 5.48 33.81 5.91
C ASN A 262 4.35 33.59 6.92
N ASP A 263 3.48 32.60 6.71
CA ASP A 263 2.25 32.50 7.47
C ASP A 263 1.66 31.10 7.34
N GLY A 264 0.41 30.94 7.78
CA GLY A 264 -0.26 29.65 7.82
C GLY A 264 -0.24 28.86 6.54
N ASN A 265 0.24 29.45 5.46
CA ASN A 265 0.40 28.75 4.19
C ASN A 265 1.60 27.83 4.17
N CYS A 266 1.77 27.02 5.21
CA CYS A 266 2.86 26.05 5.21
C CYS A 266 2.51 24.85 4.36
N LEU A 267 1.21 24.66 4.09
CA LEU A 267 0.78 23.44 3.41
C LEU A 267 1.31 23.38 1.98
N GLU A 268 1.28 24.50 1.27
CA GLU A 268 1.81 24.50 -0.09
C GLU A 268 3.29 24.19 -0.07
N ILE A 269 3.99 24.74 0.92
CA ILE A 269 5.41 24.47 1.09
C ILE A 269 5.62 22.98 1.33
N LYS A 270 4.82 22.40 2.21
CA LYS A 270 4.97 21.00 2.57
C LYS A 270 4.65 20.11 1.37
N THR A 271 3.66 20.49 0.58
CA THR A 271 3.33 19.72 -0.62
C THR A 271 4.46 19.78 -1.63
N LEU A 272 5.01 20.97 -1.85
CA LEU A 272 6.17 21.08 -2.72
C LEU A 272 7.30 20.22 -2.18
N ALA A 273 7.49 20.25 -0.87
CA ALA A 273 8.53 19.46 -0.24
C ALA A 273 8.29 17.99 -0.49
N GLY A 274 7.04 17.54 -0.35
CA GLY A 274 6.76 16.13 -0.57
C GLY A 274 6.98 15.73 -2.02
N PHE A 275 6.58 16.60 -2.94
CA PHE A 275 6.84 16.33 -4.35
C PHE A 275 8.33 16.13 -4.58
N LEU A 276 9.10 17.18 -4.35
CA LEU A 276 10.54 17.11 -4.63
C LEU A 276 11.19 16.03 -3.78
N ASN A 277 10.59 15.72 -2.64
CA ASN A 277 11.15 14.71 -1.75
C ASN A 277 11.00 13.33 -2.37
N TYR A 278 9.81 13.01 -2.85
CA TYR A 278 9.63 11.83 -3.67
C TYR A 278 10.62 11.81 -4.81
N LYS A 279 10.71 12.93 -5.54
CA LYS A 279 11.58 12.96 -6.70
C LYS A 279 13.00 12.61 -6.31
N ILE A 280 13.54 13.31 -5.31
CA ILE A 280 14.93 13.11 -4.94
C ILE A 280 15.16 11.70 -4.41
N CYS A 281 14.24 11.21 -3.57
CA CYS A 281 14.43 9.88 -3.01
C CYS A 281 14.42 8.82 -4.09
N ARG A 282 13.42 8.85 -4.98
CA ARG A 282 13.35 7.86 -6.03
C ARG A 282 14.53 7.97 -6.97
N LEU A 283 14.96 9.20 -7.27
CA LEU A 283 16.12 9.37 -8.13
C LEU A 283 17.36 8.79 -7.48
N MET A 284 17.48 8.95 -6.15
CA MET A 284 18.53 8.26 -5.42
C MET A 284 18.43 6.76 -5.63
N PHE A 285 17.24 6.21 -5.44
CA PHE A 285 17.05 4.78 -5.55
C PHE A 285 17.41 4.29 -6.95
N LYS A 286 17.16 5.12 -7.96
CA LYS A 286 17.58 4.80 -9.31
C LYS A 286 19.10 4.67 -9.38
N LEU A 287 19.80 5.46 -8.59
CA LEU A 287 21.24 5.57 -8.65
C LEU A 287 21.94 4.63 -7.68
N LYS A 288 21.20 3.76 -7.00
CA LYS A 288 21.75 2.86 -5.99
C LYS A 288 22.44 3.63 -4.88
N THR A 289 21.69 4.56 -4.28
CA THR A 289 22.17 5.36 -3.14
C THR A 289 21.12 5.28 -2.04
N PRO A 290 20.97 4.11 -1.41
CA PRO A 290 19.92 3.96 -0.40
C PRO A 290 20.18 4.77 0.86
N ARG A 291 21.42 4.78 1.34
CA ARG A 291 21.73 5.54 2.55
C ARG A 291 21.37 7.00 2.37
N ASP A 292 21.73 7.55 1.21
CA ASP A 292 21.34 8.91 0.87
C ASP A 292 19.83 9.09 1.01
N ALA A 293 19.06 8.18 0.43
CA ALA A 293 17.62 8.33 0.47
C ALA A 293 17.08 8.27 1.88
N ILE A 294 17.59 7.35 2.69
CA ILE A 294 17.11 7.20 4.05
C ILE A 294 17.35 8.50 4.81
N ASN A 295 18.59 9.01 4.73
CA ASN A 295 18.92 10.22 5.44
C ASN A 295 18.07 11.38 4.94
N GLN A 296 17.89 11.48 3.62
CA GLN A 296 17.03 12.53 3.10
C GLN A 296 15.65 12.47 3.72
N PHE A 297 15.02 11.30 3.66
CA PHE A 297 13.63 11.24 4.07
C PHE A 297 13.49 11.54 5.56
N ILE A 298 14.41 11.01 6.38
CA ILE A 298 14.32 11.34 7.79
C ILE A 298 14.49 12.84 7.97
N ILE A 299 15.64 13.38 7.55
CA ILE A 299 15.90 14.80 7.67
C ILE A 299 14.65 15.59 7.29
N HIS A 300 14.04 15.25 6.16
CA HIS A 300 12.90 15.99 5.67
C HIS A 300 11.71 15.86 6.61
N VAL A 301 11.42 14.64 7.08
CA VAL A 301 10.19 14.45 7.83
C VAL A 301 10.28 15.12 9.19
N GLU A 302 11.42 15.06 9.86
CA GLU A 302 11.50 15.81 11.12
C GLU A 302 11.63 17.31 10.89
N LYS A 303 12.28 17.73 9.81
CA LYS A 303 12.20 19.15 9.47
C LYS A 303 10.75 19.59 9.37
N HIS A 304 9.93 18.78 8.72
CA HIS A 304 8.55 19.16 8.48
C HIS A 304 7.72 19.05 9.76
N LYS A 305 8.08 18.09 10.62
CA LYS A 305 7.47 18.02 11.93
C LYS A 305 7.69 19.32 12.69
N SER A 306 8.93 19.81 12.66
CA SER A 306 9.26 21.07 13.29
C SER A 306 8.66 22.25 12.54
N ARG A 307 8.22 22.03 11.30
CA ARG A 307 7.78 23.15 10.47
C ARG A 307 6.57 23.88 11.06
N VAL A 308 5.52 23.17 11.40
CA VAL A 308 4.22 23.79 11.66
C VAL A 308 4.17 24.29 13.09
N GLY A 309 3.52 25.44 13.31
CA GLY A 309 3.27 25.91 14.65
C GLY A 309 1.79 26.11 14.96
N PHE A 310 0.99 26.45 13.95
CA PHE A 310 -0.40 26.82 14.17
C PHE A 310 -1.22 26.44 12.96
N LYS A 311 -2.41 25.87 13.18
CA LYS A 311 -3.34 25.47 12.13
C LYS A 311 -2.66 24.61 11.07
N ASP A 312 -2.22 23.39 11.42
CA ASP A 312 -2.56 22.58 12.61
C ASP A 312 -4.05 22.53 12.92
N LEU A 313 -4.85 22.50 11.85
CA LEU A 313 -6.27 22.21 12.01
C LEU A 313 -6.48 20.72 12.27
N ALA A 314 -5.38 19.99 12.45
CA ALA A 314 -5.32 18.56 12.70
C ALA A 314 -5.60 17.79 11.42
N PHE A 315 -6.03 18.49 10.37
CA PHE A 315 -5.77 18.01 9.03
C PHE A 315 -4.28 18.02 8.76
N GLU A 316 -3.62 19.07 9.21
CA GLU A 316 -2.21 19.29 8.93
C GLU A 316 -1.37 18.33 9.76
N HIS A 317 -0.20 17.99 9.22
CA HIS A 317 0.85 17.26 9.89
C HIS A 317 0.50 15.80 10.09
N HIS A 318 -0.76 15.45 9.85
CA HIS A 318 -1.16 14.06 10.06
C HIS A 318 -1.33 13.35 8.73
N ALA A 319 -2.24 13.86 7.90
CA ALA A 319 -2.46 13.23 6.61
C ALA A 319 -1.20 13.28 5.75
N TRP A 320 -0.56 14.44 5.70
CA TRP A 320 0.63 14.56 4.87
C TRP A 320 1.74 13.64 5.38
N LEU A 321 1.93 13.58 6.69
CA LEU A 321 3.00 12.76 7.23
C LEU A 321 2.74 11.29 6.94
N SER A 322 1.50 10.87 7.12
CA SER A 322 1.13 9.50 6.83
C SER A 322 1.35 9.17 5.36
N THR A 323 0.92 10.07 4.47
CA THR A 323 1.12 9.86 3.06
C THR A 323 2.59 9.85 2.72
N GLN A 324 3.38 10.65 3.43
CA GLN A 324 4.80 10.74 3.14
C GLN A 324 5.49 9.41 3.47
N HIS A 325 5.18 8.88 4.65
CA HIS A 325 5.67 7.55 4.99
C HIS A 325 5.18 6.52 3.99
N SER A 326 3.91 6.64 3.58
CA SER A 326 3.35 5.70 2.63
C SER A 326 4.18 5.68 1.34
N VAL A 327 4.40 6.87 0.78
CA VAL A 327 5.16 7.00 -0.45
C VAL A 327 6.55 6.45 -0.26
N PHE A 328 7.16 6.68 0.90
CA PHE A 328 8.53 6.21 1.06
C PHE A 328 8.61 4.70 1.13
N ALA A 329 7.65 4.06 1.79
CA ALA A 329 7.59 2.61 1.73
C ALA A 329 7.36 2.15 0.30
N GLU A 330 6.58 2.91 -0.45
CA GLU A 330 6.37 2.58 -1.85
C GLU A 330 7.68 2.65 -2.62
N LEU A 331 8.49 3.65 -2.30
CA LEU A 331 9.80 3.78 -2.92
C LEU A 331 10.68 2.61 -2.54
N PHE A 332 10.58 2.18 -1.28
CA PHE A 332 11.28 0.98 -0.84
C PHE A 332 10.89 -0.21 -1.70
N CYS A 333 9.61 -0.37 -1.95
CA CYS A 333 9.15 -1.49 -2.76
C CYS A 333 9.66 -1.37 -4.18
N GLU A 334 9.65 -0.16 -4.73
CA GLU A 334 10.31 0.10 -6.00
C GLU A 334 11.75 -0.36 -5.96
N ALA A 335 12.46 -0.05 -4.88
CA ALA A 335 13.85 -0.44 -4.74
C ALA A 335 13.99 -1.96 -4.73
N ILE A 336 13.08 -2.63 -4.03
CA ILE A 336 13.11 -4.08 -3.96
C ILE A 336 12.91 -4.67 -5.35
N LYS A 337 11.95 -4.11 -6.10
CA LYS A 337 11.77 -4.48 -7.50
C LYS A 337 13.06 -4.28 -8.27
N ASN A 338 13.75 -3.18 -8.02
CA ASN A 338 15.09 -3.00 -8.57
C ASN A 338 16.05 -4.01 -7.98
N GLY A 339 15.92 -4.33 -6.70
CA GLY A 339 16.83 -5.22 -6.04
C GLY A 339 17.80 -4.58 -5.07
N LEU A 340 17.32 -3.67 -4.22
CA LEU A 340 18.18 -3.03 -3.22
C LEU A 340 17.89 -3.58 -1.84
N PRO A 341 18.53 -4.68 -1.44
CA PRO A 341 18.22 -5.29 -0.12
C PRO A 341 19.00 -4.70 1.05
N ALA A 342 19.87 -3.71 0.80
CA ALA A 342 20.61 -3.06 1.87
C ALA A 342 19.66 -2.38 2.86
N LEU A 343 18.62 -1.72 2.35
CA LEU A 343 17.66 -1.06 3.21
C LEU A 343 16.69 -2.05 3.85
N GLN A 344 16.50 -3.21 3.22
CA GLN A 344 15.57 -4.18 3.78
C GLN A 344 16.19 -4.97 4.92
N THR A 345 17.47 -5.34 4.79
CA THR A 345 18.12 -6.14 5.82
C THR A 345 18.16 -5.39 7.15
N GLN A 346 18.18 -4.06 7.11
CA GLN A 346 18.03 -3.32 8.35
C GLN A 346 16.59 -3.43 8.86
N HIS A 347 15.61 -3.05 8.04
CA HIS A 347 14.21 -3.07 8.40
C HIS A 347 13.43 -3.08 7.10
N PRO A 348 12.51 -4.03 6.91
CA PRO A 348 11.84 -4.15 5.61
C PRO A 348 10.74 -3.12 5.40
N GLY A 349 9.87 -2.94 6.38
CA GLY A 349 8.64 -2.20 6.19
C GLY A 349 8.56 -0.99 7.08
N ILE A 350 9.64 -0.21 7.08
CA ILE A 350 9.87 0.75 8.15
C ILE A 350 8.64 1.62 8.34
N TYR A 351 8.33 2.44 7.35
CA TYR A 351 7.42 3.53 7.54
C TYR A 351 5.96 3.14 7.36
N TYR A 352 5.68 1.89 7.02
CA TYR A 352 4.29 1.46 6.90
C TYR A 352 3.54 1.74 8.20
N HIS A 353 4.05 1.24 9.32
CA HIS A 353 3.26 1.32 10.54
C HIS A 353 3.46 2.64 11.24
N LYS A 354 4.55 3.36 10.97
CA LYS A 354 4.53 4.77 11.33
C LYS A 354 3.41 5.51 10.63
N ALA A 355 3.24 5.28 9.32
CA ALA A 355 2.13 5.89 8.62
C ALA A 355 0.81 5.44 9.24
N ALA A 356 0.74 4.17 9.63
CA ALA A 356 -0.47 3.65 10.24
C ALA A 356 -0.77 4.36 11.55
N GLU A 357 0.24 4.54 12.39
CA GLU A 357 0.01 5.25 13.63
C GLU A 357 -0.35 6.69 13.36
N PHE A 358 0.16 7.26 12.27
CA PHE A 358 -0.20 8.63 11.94
C PHE A 358 -1.65 8.72 11.49
N VAL A 359 -2.14 7.73 10.75
CA VAL A 359 -3.54 7.79 10.34
C VAL A 359 -4.46 7.53 11.52
N MET A 360 -4.01 6.70 12.48
CA MET A 360 -4.75 6.60 13.73
C MET A 360 -4.81 7.93 14.43
N LYS A 361 -3.66 8.60 14.52
CA LYS A 361 -3.63 9.93 15.11
C LYS A 361 -4.53 10.87 14.33
N ARG A 362 -4.63 10.64 13.03
CA ARG A 362 -5.48 11.47 12.18
C ARG A 362 -6.94 11.29 12.53
N ARG A 363 -7.36 10.04 12.72
CA ARG A 363 -8.73 9.77 13.15
C ARG A 363 -9.00 10.41 14.50
N ASP A 364 -8.03 10.33 15.40
CA ASP A 364 -8.20 10.94 16.71
C ASP A 364 -8.36 12.45 16.57
N ALA A 365 -7.44 13.05 15.81
CA ALA A 365 -7.50 14.46 15.51
C ALA A 365 -8.84 14.83 14.91
N ALA A 366 -9.38 13.95 14.09
CA ALA A 366 -10.72 14.16 13.54
C ALA A 366 -11.74 14.17 14.66
N MET A 367 -11.57 13.29 15.65
CA MET A 367 -12.50 13.27 16.76
C MET A 367 -12.59 14.65 17.40
N GLU A 368 -11.45 15.22 17.78
CA GLU A 368 -11.58 16.54 18.43
C GLU A 368 -11.86 17.63 17.40
N ALA A 369 -11.57 17.38 16.13
CA ALA A 369 -11.91 18.38 15.13
C ALA A 369 -13.42 18.53 15.03
N TYR A 370 -14.12 17.40 14.94
CA TYR A 370 -15.55 17.38 15.24
C TYR A 370 -15.84 18.20 16.47
N ALA A 371 -15.29 17.80 17.61
CA ALA A 371 -15.67 18.41 18.89
C ALA A 371 -15.60 19.92 18.83
N ALA A 372 -14.50 20.46 18.30
CA ALA A 372 -14.37 21.90 18.16
C ALA A 372 -15.37 22.45 17.15
N MET A 373 -15.75 21.63 16.17
CA MET A 373 -16.75 22.08 15.20
C MET A 373 -18.11 22.22 15.88
N GLN A 374 -18.35 21.45 16.93
CA GLN A 374 -19.61 21.62 17.66
C GLN A 374 -19.60 22.87 18.54
N ALA A 375 -18.42 23.48 18.73
CA ALA A 375 -18.34 24.63 19.63
C ALA A 375 -19.23 25.77 19.15
N SER A 376 -18.92 26.33 17.98
CA SER A 376 -19.87 27.21 17.31
C SER A 376 -20.12 26.65 15.93
N SER A 377 -19.05 26.32 15.23
CA SER A 377 -19.12 25.80 13.87
C SER A 377 -17.92 24.90 13.59
N VAL A 406 -15.66 34.98 10.30
CA VAL A 406 -16.55 35.64 9.36
C VAL A 406 -15.93 35.68 7.97
N ALA A 407 -14.67 35.25 7.88
CA ALA A 407 -13.96 35.17 6.62
C ALA A 407 -13.21 33.85 6.58
N GLU A 408 -13.28 33.17 5.43
CA GLU A 408 -12.66 31.87 5.14
C GLU A 408 -13.17 30.75 6.04
N GLN A 409 -14.11 31.02 6.94
CA GLN A 409 -14.54 29.99 7.87
C GLN A 409 -15.32 28.89 7.16
N GLN A 410 -16.09 29.27 6.13
CA GLN A 410 -16.84 28.26 5.38
C GLN A 410 -15.90 27.25 4.75
N ALA A 411 -14.73 27.72 4.31
CA ALA A 411 -13.72 26.80 3.80
C ALA A 411 -13.35 25.78 4.85
N ASN A 412 -13.15 26.23 6.10
CA ASN A 412 -12.87 25.30 7.17
C ASN A 412 -14.03 24.35 7.38
N MET A 413 -15.26 24.82 7.14
CA MET A 413 -16.41 23.95 7.28
C MET A 413 -16.39 22.83 6.24
N GLN A 414 -16.19 23.19 4.97
CA GLN A 414 -16.05 22.14 3.96
C GLN A 414 -14.85 21.26 4.26
N LEU A 415 -13.81 21.82 4.88
CA LEU A 415 -12.70 20.99 5.32
C LEU A 415 -13.17 19.95 6.31
N CYS A 416 -13.95 20.37 7.31
CA CYS A 416 -14.47 19.45 8.30
C CYS A 416 -15.29 18.36 7.65
N ASP A 417 -16.14 18.73 6.70
CA ASP A 417 -16.97 17.74 6.02
C ASP A 417 -16.12 16.76 5.23
N GLN A 418 -15.14 17.27 4.50
CA GLN A 418 -14.30 16.40 3.70
C GLN A 418 -13.53 15.42 4.57
N GLU A 419 -13.02 15.86 5.72
CA GLU A 419 -12.32 14.91 6.57
C GLU A 419 -13.31 13.98 7.26
N ARG A 420 -14.58 14.40 7.39
CA ARG A 420 -15.62 13.47 7.79
C ARG A 420 -15.73 12.34 6.79
N SER A 421 -15.66 12.66 5.51
CA SER A 421 -15.58 11.62 4.49
C SER A 421 -14.40 10.71 4.76
N TYR A 422 -13.34 11.25 5.35
CA TYR A 422 -12.13 10.50 5.62
C TYR A 422 -12.25 9.66 6.89
N ASN A 423 -13.37 9.75 7.60
CA ASN A 423 -13.53 9.03 8.86
C ASN A 423 -13.58 7.52 8.68
N HIS A 424 -13.39 7.03 7.45
CA HIS A 424 -13.47 5.60 7.21
C HIS A 424 -12.38 4.85 7.96
N SER A 425 -11.15 5.39 7.95
CA SER A 425 -10.02 4.89 8.71
C SER A 425 -9.72 3.43 8.42
N ALA A 426 -10.31 2.87 7.36
CA ALA A 426 -9.86 1.57 6.89
C ALA A 426 -8.46 1.68 6.30
N ALA A 427 -8.01 2.91 6.03
CA ALA A 427 -6.64 3.13 5.59
C ALA A 427 -5.65 2.63 6.63
N ILE A 428 -6.01 2.76 7.91
CA ILE A 428 -5.21 2.13 8.97
C ILE A 428 -5.07 0.64 8.68
N ILE A 429 -6.18 0.01 8.32
CA ILE A 429 -6.20 -1.42 8.10
C ILE A 429 -5.30 -1.78 6.92
N ALA A 430 -5.39 -1.01 5.84
CA ALA A 430 -4.58 -1.28 4.67
C ALA A 430 -3.09 -1.08 4.97
N LEU A 431 -2.76 0.00 5.68
CA LEU A 431 -1.38 0.28 6.00
C LEU A 431 -0.79 -0.82 6.88
N LEU A 432 -1.56 -1.24 7.89
CA LEU A 432 -1.07 -2.32 8.75
C LEU A 432 -1.02 -3.63 7.98
N SER A 433 -1.87 -3.78 6.97
CA SER A 433 -1.80 -4.97 6.12
C SER A 433 -0.46 -5.03 5.43
N GLN A 434 -0.09 -3.93 4.77
CA GLN A 434 1.20 -3.87 4.10
C GLN A 434 2.34 -4.04 5.09
N ALA A 435 2.23 -3.39 6.26
CA ALA A 435 3.27 -3.52 7.26
C ALA A 435 3.44 -4.96 7.70
N MET A 436 2.34 -5.66 7.95
CA MET A 436 2.40 -7.05 8.35
C MET A 436 3.05 -7.90 7.29
N ALA A 437 2.64 -7.74 6.04
CA ALA A 437 3.27 -8.52 4.98
C ALA A 437 4.77 -8.28 4.96
N GLN A 438 5.17 -7.02 4.97
CA GLN A 438 6.58 -6.70 4.85
C GLN A 438 7.38 -7.22 6.04
N PHE A 439 6.79 -7.16 7.24
CA PHE A 439 7.45 -7.72 8.41
C PHE A 439 7.64 -9.22 8.25
N LYS A 440 6.62 -9.90 7.73
CA LYS A 440 6.79 -11.32 7.47
C LYS A 440 7.91 -11.55 6.47
N ILE A 441 8.11 -10.60 5.56
CA ILE A 441 9.14 -10.78 4.54
C ILE A 441 10.53 -10.96 5.17
N TYR A 442 10.81 -10.25 6.25
CA TYR A 442 12.01 -10.53 7.04
C TYR A 442 11.73 -10.85 8.51
N LYS A 443 10.75 -11.71 8.78
CA LYS A 443 10.72 -12.50 10.02
C LYS A 443 10.75 -11.65 11.28
N CYS A 444 10.07 -10.50 11.26
CA CYS A 444 9.92 -9.71 12.48
C CYS A 444 8.54 -9.97 13.06
N LEU A 445 8.33 -11.20 13.53
CA LEU A 445 6.99 -11.66 13.88
C LEU A 445 6.43 -10.93 15.09
N ARG A 446 7.30 -10.54 16.03
CA ARG A 446 6.88 -9.69 17.14
C ARG A 446 6.00 -8.56 16.63
N PHE A 447 6.49 -7.84 15.62
CA PHE A 447 5.75 -6.69 15.13
C PHE A 447 4.50 -7.09 14.36
N ARG A 448 4.54 -8.22 13.65
CA ARG A 448 3.31 -8.65 13.01
C ARG A 448 2.23 -8.89 14.05
N LYS A 449 2.59 -9.52 15.16
CA LYS A 449 1.61 -9.75 16.20
C LYS A 449 1.12 -8.43 16.78
N LYS A 450 2.03 -7.49 17.04
CA LYS A 450 1.60 -6.22 17.59
C LYS A 450 0.65 -5.50 16.64
N LEU A 451 1.01 -5.44 15.36
CA LEU A 451 0.19 -4.71 14.41
C LEU A 451 -1.11 -5.45 14.12
N ALA A 452 -1.11 -6.78 14.31
CA ALA A 452 -2.36 -7.51 14.17
C ALA A 452 -3.28 -7.22 15.32
N ILE A 453 -2.74 -7.06 16.53
CA ILE A 453 -3.57 -6.64 17.65
C ILE A 453 -4.08 -5.23 17.42
N ASP A 454 -3.26 -4.38 16.80
CA ASP A 454 -3.74 -3.05 16.44
C ASP A 454 -4.87 -3.15 15.42
N MET A 455 -4.73 -4.06 14.46
CA MET A 455 -5.81 -4.29 13.50
C MET A 455 -7.08 -4.72 14.20
N ALA A 456 -6.96 -5.66 15.14
CA ALA A 456 -8.13 -6.16 15.85
C ALA A 456 -8.78 -5.07 16.69
N GLU A 457 -7.97 -4.25 17.36
CA GLU A 457 -8.54 -3.20 18.20
C GLU A 457 -9.25 -2.16 17.35
N GLU A 458 -8.70 -1.84 16.18
CA GLU A 458 -9.40 -0.90 15.32
C GLU A 458 -10.64 -1.53 14.70
N TYR A 459 -10.62 -2.85 14.49
CA TYR A 459 -11.85 -3.55 14.13
C TYR A 459 -12.90 -3.36 15.20
N LEU A 460 -12.50 -3.44 16.46
CA LEU A 460 -13.43 -3.15 17.54
C LEU A 460 -13.94 -1.72 17.45
N LYS A 461 -13.06 -0.76 17.19
CA LYS A 461 -13.53 0.59 16.93
C LYS A 461 -14.37 0.63 15.66
N SER A 462 -14.01 -0.18 14.68
CA SER A 462 -14.86 -0.37 13.51
C SER A 462 -16.18 -1.00 13.88
N GLY A 463 -16.27 -1.60 15.07
CA GLY A 463 -17.43 -2.35 15.49
C GLY A 463 -17.47 -3.76 14.96
N ASP A 464 -16.73 -4.05 13.89
CA ASP A 464 -16.72 -5.38 13.28
C ASP A 464 -15.95 -6.30 14.21
N HIS A 465 -16.56 -6.61 15.35
CA HIS A 465 -15.90 -7.39 16.37
C HIS A 465 -15.61 -8.81 15.89
N ALA A 466 -16.31 -9.26 14.85
CA ALA A 466 -16.13 -10.63 14.39
C ALA A 466 -14.70 -10.88 13.91
N LYS A 467 -14.22 -10.03 13.00
CA LYS A 467 -12.86 -10.17 12.52
C LYS A 467 -11.86 -9.98 13.64
N ALA A 468 -12.18 -9.09 14.58
CA ALA A 468 -11.30 -8.86 15.72
C ALA A 468 -11.15 -10.11 16.55
N LEU A 469 -12.26 -10.80 16.81
CA LEU A 469 -12.19 -12.03 17.59
C LEU A 469 -11.51 -13.13 16.79
N THR A 470 -11.66 -13.12 15.47
CA THR A 470 -10.90 -14.07 14.67
C THR A 470 -9.40 -13.88 14.88
N LEU A 471 -8.96 -12.63 14.77
CA LEU A 471 -7.55 -12.32 15.00
C LEU A 471 -7.13 -12.75 16.40
N TYR A 472 -7.87 -12.33 17.42
CA TYR A 472 -7.50 -12.66 18.79
C TYR A 472 -7.44 -14.17 18.98
N SER A 473 -8.36 -14.90 18.35
CA SER A 473 -8.35 -16.35 18.45
C SER A 473 -7.05 -16.91 17.89
N LEU A 474 -6.58 -16.36 16.78
CA LEU A 474 -5.28 -16.79 16.29
C LEU A 474 -4.14 -16.34 17.20
N MET A 475 -4.33 -15.23 17.93
CA MET A 475 -3.17 -14.59 18.57
C MET A 475 -2.93 -15.10 19.99
N LEU A 476 -3.94 -15.64 20.66
CA LEU A 476 -3.69 -16.20 21.98
C LEU A 476 -2.64 -17.30 22.01
N PRO A 477 -2.66 -18.34 21.15
CA PRO A 477 -1.71 -19.44 21.34
C PRO A 477 -0.26 -18.99 21.33
N ASP A 478 0.08 -18.01 20.49
CA ASP A 478 1.46 -17.55 20.43
C ASP A 478 1.90 -16.95 21.76
N TYR A 479 1.08 -16.06 22.32
CA TYR A 479 1.40 -15.51 23.63
C TYR A 479 1.49 -16.60 24.70
N ARG A 480 0.55 -17.55 24.68
CA ARG A 480 0.60 -18.60 25.71
C ARG A 480 1.92 -19.36 25.64
N GLN A 481 2.39 -19.67 24.42
CA GLN A 481 3.72 -20.24 24.30
C GLN A 481 4.78 -19.25 24.77
N GLU A 482 4.55 -17.96 24.55
CA GLU A 482 5.57 -16.95 24.83
C GLU A 482 5.72 -16.71 26.33
N LYS A 483 4.69 -17.01 27.10
CA LYS A 483 4.73 -17.00 28.55
C LYS A 483 4.86 -15.61 29.13
N TRP A 484 4.83 -14.55 28.32
CA TRP A 484 4.99 -13.21 28.86
C TRP A 484 3.73 -12.87 29.63
N THR A 485 3.76 -13.16 30.94
CA THR A 485 2.54 -13.18 31.73
C THR A 485 1.90 -11.80 31.80
N THR A 486 2.68 -10.74 31.61
CA THR A 486 2.07 -9.42 31.56
C THR A 486 1.10 -9.32 30.40
N ILE A 487 1.61 -9.45 29.17
CA ILE A 487 0.79 -9.19 27.99
C ILE A 487 -0.36 -10.19 27.89
N PHE A 488 -0.14 -11.42 28.35
CA PHE A 488 -1.09 -12.48 28.06
C PHE A 488 -2.46 -12.17 28.62
N THR A 489 -2.52 -11.84 29.91
CA THR A 489 -3.80 -11.42 30.48
C THR A 489 -4.30 -10.12 29.87
N ASP A 490 -3.38 -9.25 29.45
CA ASP A 490 -3.79 -7.96 28.91
C ASP A 490 -4.57 -8.13 27.63
N VAL A 491 -4.14 -9.06 26.77
CA VAL A 491 -4.91 -9.38 25.58
C VAL A 491 -6.10 -10.25 25.95
N LEU A 492 -5.99 -11.02 27.04
CA LEU A 492 -7.08 -11.91 27.42
C LEU A 492 -8.34 -11.15 27.79
N LEU A 493 -8.21 -10.06 28.52
CA LEU A 493 -9.40 -9.31 28.89
C LEU A 493 -10.10 -8.76 27.64
N LYS A 494 -9.32 -8.27 26.67
CA LYS A 494 -9.90 -7.81 25.43
C LYS A 494 -10.54 -8.96 24.65
N THR A 495 -9.90 -10.13 24.69
CA THR A 495 -10.44 -11.29 23.96
C THR A 495 -11.76 -11.73 24.55
N LEU A 496 -11.87 -11.69 25.88
CA LEU A 496 -13.15 -11.92 26.54
C LEU A 496 -14.17 -10.87 26.13
N ARG A 497 -13.74 -9.61 26.03
CA ARG A 497 -14.66 -8.57 25.59
C ARG A 497 -15.23 -8.88 24.21
N CYS A 498 -14.35 -9.30 23.30
CA CYS A 498 -14.80 -9.66 21.96
C CYS A 498 -15.73 -10.86 22.00
N ALA A 499 -15.41 -11.85 22.83
CA ALA A 499 -16.27 -13.02 22.92
C ALA A 499 -17.65 -12.65 23.43
N LEU A 500 -17.73 -11.77 24.43
CA LEU A 500 -19.03 -11.43 24.98
C LEU A 500 -19.84 -10.60 24.00
N LEU A 501 -19.20 -9.64 23.33
CA LEU A 501 -19.93 -8.86 22.34
C LEU A 501 -20.39 -9.73 21.17
N SER A 502 -19.49 -10.58 20.68
CA SER A 502 -19.85 -11.49 19.59
C SER A 502 -20.87 -12.51 20.06
N GLY A 503 -20.82 -12.87 21.33
CA GLY A 503 -21.61 -13.98 21.79
C GLY A 503 -21.07 -15.32 21.38
N SER A 504 -19.83 -15.40 20.92
CA SER A 504 -19.22 -16.69 20.62
C SER A 504 -18.97 -17.37 21.95
N VAL A 505 -20.01 -18.03 22.46
CA VAL A 505 -19.96 -18.52 23.83
C VAL A 505 -18.92 -19.61 23.98
N ALA A 506 -18.63 -20.33 22.90
CA ALA A 506 -17.59 -21.36 22.98
C ALA A 506 -16.23 -20.74 23.26
N ASP A 507 -15.83 -19.77 22.44
CA ASP A 507 -14.56 -19.10 22.69
C ASP A 507 -14.61 -18.36 24.01
N TYR A 508 -15.77 -17.77 24.34
CA TYR A 508 -15.95 -17.11 25.61
C TYR A 508 -15.59 -18.01 26.78
N ILE A 509 -16.19 -19.21 26.82
CA ILE A 509 -15.93 -20.10 27.95
C ILE A 509 -14.51 -20.61 27.92
N ALA A 510 -13.94 -20.87 26.74
CA ALA A 510 -12.58 -21.38 26.68
C ALA A 510 -11.59 -20.36 27.23
N CYS A 511 -11.69 -19.11 26.78
CA CYS A 511 -10.78 -18.09 27.28
C CYS A 511 -11.05 -17.80 28.74
N SER A 512 -12.32 -17.89 29.15
CA SER A 512 -12.63 -17.68 30.56
C SER A 512 -11.99 -18.75 31.45
N VAL A 513 -12.03 -20.01 31.02
CA VAL A 513 -11.47 -21.07 31.86
C VAL A 513 -9.95 -21.01 31.86
N GLU A 514 -9.33 -20.61 30.75
CA GLU A 514 -7.89 -20.40 30.80
C GLU A 514 -7.53 -19.24 31.71
N ALA A 515 -8.38 -18.21 31.75
CA ALA A 515 -8.18 -17.15 32.72
C ALA A 515 -8.32 -17.68 34.14
N LEU A 516 -9.34 -18.50 34.38
CA LEU A 516 -9.51 -19.16 35.68
C LEU A 516 -8.25 -19.88 36.11
N SER A 517 -7.66 -20.66 35.20
CA SER A 517 -6.55 -21.54 35.55
C SER A 517 -5.47 -20.78 36.30
N LEU A 518 -5.12 -19.59 35.83
CA LEU A 518 -4.24 -18.70 36.54
C LEU A 518 -4.84 -17.28 36.45
N ARG A 519 -5.74 -16.94 37.36
CA ARG A 519 -6.31 -15.60 37.42
C ARG A 519 -5.88 -14.84 38.68
N HIS A 520 -4.69 -15.14 39.20
CA HIS A 520 -4.31 -14.55 40.48
C HIS A 520 -3.86 -13.10 40.32
N GLN A 521 -3.49 -12.70 39.10
CA GLN A 521 -3.10 -11.31 38.88
C GLN A 521 -4.29 -10.36 39.02
N SER A 522 -5.47 -10.79 38.60
CA SER A 522 -6.65 -9.93 38.68
C SER A 522 -7.31 -10.05 40.05
N ASP A 523 -8.32 -9.20 40.27
CA ASP A 523 -9.04 -9.18 41.54
C ASP A 523 -9.91 -10.42 41.70
N GLN A 524 -10.14 -10.81 42.96
CA GLN A 524 -10.81 -12.07 43.26
C GLN A 524 -12.28 -12.05 42.86
N SER A 525 -13.01 -11.00 43.24
CA SER A 525 -14.44 -10.96 42.97
C SER A 525 -14.72 -11.05 41.48
N GLU A 526 -13.83 -10.47 40.67
CA GLU A 526 -13.98 -10.56 39.22
C GLU A 526 -13.86 -12.01 38.75
N ARG A 527 -12.91 -12.76 39.33
CA ARG A 527 -12.84 -14.18 39.06
C ARG A 527 -14.15 -14.87 39.38
N ILE A 528 -14.74 -14.54 40.53
CA ILE A 528 -16.00 -15.15 40.93
C ILE A 528 -17.10 -14.84 39.91
N LEU A 529 -17.21 -13.58 39.50
CA LEU A 529 -18.23 -13.20 38.53
C LEU A 529 -18.04 -13.93 37.22
N ILE A 530 -16.78 -14.07 36.79
CA ILE A 530 -16.50 -14.83 35.58
C ILE A 530 -17.03 -16.25 35.72
N LEU A 531 -16.72 -16.90 36.85
CA LEU A 531 -17.13 -18.29 37.00
C LEU A 531 -18.64 -18.44 37.00
N GLU A 532 -19.34 -17.55 37.70
CA GLU A 532 -20.80 -17.69 37.75
C GLU A 532 -21.43 -17.41 36.40
N ASN A 533 -20.89 -16.44 35.65
CA ASN A 533 -21.37 -16.22 34.30
C ASN A 533 -21.15 -17.47 33.44
N LEU A 534 -20.00 -18.11 33.62
CA LEU A 534 -19.71 -19.33 32.89
C LEU A 534 -20.73 -20.41 33.19
N TRP A 535 -21.03 -20.65 34.46
CA TRP A 535 -22.03 -21.66 34.79
C TRP A 535 -23.38 -21.29 34.19
N GLN A 536 -23.73 -20.02 34.28
CA GLN A 536 -24.96 -19.53 33.67
C GLN A 536 -25.02 -19.93 32.20
N VAL A 537 -23.96 -19.70 31.46
CA VAL A 537 -24.04 -19.91 30.02
C VAL A 537 -23.93 -21.39 29.67
N PHE A 538 -23.21 -22.19 30.48
CA PHE A 538 -23.29 -23.63 30.28
C PHE A 538 -24.70 -24.15 30.44
N GLN A 539 -25.42 -23.65 31.43
CA GLN A 539 -26.79 -24.12 31.58
C GLN A 539 -27.79 -23.13 30.98
N GLY A 540 -27.31 -22.18 30.18
CA GLY A 540 -28.16 -21.35 29.35
C GLY A 540 -28.48 -19.97 29.89
N VAL A 541 -28.17 -19.71 31.15
CA VAL A 541 -28.54 -18.42 31.74
C VAL A 541 -27.63 -17.33 31.17
N PRO A 542 -28.17 -16.20 30.73
CA PRO A 542 -27.33 -15.09 30.27
C PRO A 542 -26.47 -14.53 31.39
N PRO A 543 -25.32 -13.95 31.07
CA PRO A 543 -24.46 -13.37 32.12
C PRO A 543 -25.08 -12.10 32.69
N MET A 544 -24.78 -11.83 33.96
CA MET A 544 -25.39 -10.68 34.63
C MET A 544 -24.97 -9.31 34.09
N PRO A 545 -23.78 -9.10 33.50
CA PRO A 545 -23.52 -7.68 33.13
C PRO A 545 -24.45 -7.20 32.03
N LYS A 546 -25.74 -7.07 32.39
CA LYS A 546 -26.77 -6.69 31.43
C LYS A 546 -26.53 -5.29 30.90
N THR A 547 -26.19 -4.34 31.77
CA THR A 547 -25.84 -3.00 31.30
C THR A 547 -24.60 -3.05 30.44
N GLN A 548 -23.69 -3.98 30.71
CA GLN A 548 -22.53 -4.15 29.86
C GLN A 548 -22.91 -4.75 28.52
N LEU A 549 -24.00 -5.52 28.48
CA LEU A 549 -24.47 -6.10 27.23
C LEU A 549 -25.48 -5.19 26.55
N THR A 550 -25.76 -5.48 25.27
CA THR A 550 -26.75 -4.73 24.51
C THR A 550 -27.79 -5.69 23.94
N PRO A 551 -29.01 -5.21 23.71
CA PRO A 551 -30.07 -6.13 23.26
C PRO A 551 -29.71 -6.90 22.01
N GLU A 552 -28.99 -6.26 21.08
CA GLU A 552 -28.53 -6.98 19.90
C GLU A 552 -27.64 -8.16 20.27
N ALA A 553 -26.65 -7.93 21.13
CA ALA A 553 -25.79 -9.04 21.54
C ALA A 553 -26.58 -10.07 22.34
N GLN A 554 -27.58 -9.61 23.10
CA GLN A 554 -28.51 -10.52 23.73
C GLN A 554 -29.10 -11.47 22.70
N ALA A 555 -29.55 -10.93 21.57
CA ALA A 555 -30.06 -11.77 20.49
C ALA A 555 -28.96 -12.69 19.97
N LEU A 556 -27.74 -12.15 19.83
CA LEU A 556 -26.63 -12.95 19.32
C LEU A 556 -26.47 -14.25 20.10
N TRP A 557 -26.37 -14.15 21.43
CA TRP A 557 -26.02 -15.35 22.15
C TRP A 557 -27.26 -16.13 22.61
N THR A 558 -28.42 -15.50 22.68
CA THR A 558 -29.64 -16.28 22.83
C THR A 558 -29.85 -17.16 21.60
N SER A 559 -29.54 -16.62 20.43
CA SER A 559 -29.61 -17.39 19.19
C SER A 559 -28.65 -18.56 19.22
N ALA A 560 -27.45 -18.33 19.75
CA ALA A 560 -26.41 -19.34 19.68
C ALA A 560 -26.71 -20.47 20.67
N LEU A 561 -25.73 -21.34 20.86
CA LEU A 561 -25.72 -22.51 21.71
C LEU A 561 -26.51 -23.67 21.08
N ALA A 562 -27.16 -23.45 19.94
CA ALA A 562 -27.83 -24.55 19.25
C ALA A 562 -26.83 -25.59 18.79
N ASN A 563 -25.68 -25.15 18.29
CA ASN A 563 -24.61 -26.08 17.94
C ASN A 563 -23.59 -26.18 19.08
N VAL A 564 -23.49 -25.13 19.89
CA VAL A 564 -22.47 -25.11 20.92
C VAL A 564 -22.81 -26.14 21.98
N LYS A 565 -21.92 -27.11 22.16
CA LYS A 565 -22.18 -28.25 23.03
C LYS A 565 -20.94 -28.45 23.91
N SER A 566 -21.05 -29.22 24.99
CA SER A 566 -19.91 -29.60 25.82
C SER A 566 -19.02 -28.43 26.21
N VAL A 579 -7.08 -22.63 38.59
CA VAL A 579 -7.95 -23.78 38.80
C VAL A 579 -7.16 -25.04 38.56
N GLU A 580 -5.94 -24.87 38.07
CA GLU A 580 -5.22 -25.96 37.45
C GLU A 580 -5.08 -27.15 38.38
N MET A 581 -5.42 -28.33 37.87
CA MET A 581 -5.43 -29.57 38.62
C MET A 581 -4.59 -30.61 37.91
N CYS A 582 -4.47 -31.78 38.53
CA CYS A 582 -3.55 -32.80 38.06
C CYS A 582 -4.20 -34.18 38.05
N ALA A 583 -3.81 -34.99 37.07
CA ALA A 583 -4.19 -36.39 37.00
C ALA A 583 -3.15 -37.21 37.74
N THR A 584 -3.61 -38.06 38.65
CA THR A 584 -2.72 -38.91 39.42
C THR A 584 -3.17 -40.36 39.29
N PHE A 585 -2.41 -41.14 38.51
CA PHE A 585 -2.63 -42.56 38.35
C PHE A 585 -1.71 -43.28 39.33
N GLU A 586 -2.28 -44.15 40.16
CA GLU A 586 -1.45 -44.89 41.12
C GLU A 586 -0.66 -46.00 40.43
N ARG A 587 -1.23 -46.61 39.39
CA ARG A 587 -0.66 -47.81 38.79
C ARG A 587 -0.86 -47.75 37.26
N VAL A 588 0.20 -47.38 36.55
CA VAL A 588 0.27 -47.57 35.11
C VAL A 588 1.02 -48.87 34.84
N GLN A 589 0.91 -49.40 33.62
CA GLN A 589 1.45 -50.73 33.28
C GLN A 589 0.80 -51.81 34.13
N LEU A 590 -0.50 -52.02 33.91
CA LEU A 590 -1.28 -52.91 34.73
C LEU A 590 -0.77 -54.35 34.64
N SER A 591 -0.92 -55.08 35.75
CA SER A 591 -0.61 -56.50 35.80
C SER A 591 -1.88 -57.31 35.56
N ASN A 592 -1.84 -58.61 35.87
CA ASN A 592 -2.94 -59.48 35.55
C ASN A 592 -4.18 -59.19 36.38
N ASP A 593 -4.01 -58.81 37.64
CA ASP A 593 -5.12 -58.55 38.55
C ASP A 593 -4.82 -57.41 39.50
N ASP A 594 -5.68 -56.38 39.49
CA ASP A 594 -5.59 -55.19 40.33
C ASP A 594 -6.88 -54.38 40.31
N LEU A 595 -6.88 -53.23 41.00
CA LEU A 595 -7.99 -52.28 40.97
C LEU A 595 -7.44 -50.86 41.18
N LEU A 596 -8.11 -49.83 40.67
CA LEU A 596 -7.68 -48.46 40.92
C LEU A 596 -8.87 -47.55 41.16
N GLN A 597 -8.78 -46.75 42.20
CA GLN A 597 -9.83 -45.82 42.58
C GLN A 597 -9.41 -44.39 42.31
N LEU A 598 -10.16 -43.44 42.86
CA LEU A 598 -9.90 -42.01 42.69
C LEU A 598 -8.58 -41.63 43.35
N GLN A 599 -7.54 -41.58 42.53
CA GLN A 599 -6.24 -41.11 42.97
C GLN A 599 -5.83 -39.79 42.34
N LEU A 600 -6.41 -39.41 41.22
CA LEU A 600 -6.16 -38.10 40.66
C LEU A 600 -6.58 -37.02 41.66
N ILE A 601 -5.79 -35.96 41.75
CA ILE A 601 -5.99 -34.91 42.74
C ILE A 601 -6.32 -33.63 42.02
N VAL A 602 -7.53 -33.13 42.24
CA VAL A 602 -7.98 -31.94 41.54
C VAL A 602 -7.66 -30.70 42.35
N ARG A 603 -6.44 -30.22 42.23
CA ARG A 603 -6.05 -28.97 42.86
C ARG A 603 -6.73 -27.81 42.16
N VAL A 604 -7.12 -26.79 42.92
CA VAL A 604 -7.74 -25.60 42.38
C VAL A 604 -6.85 -24.40 42.67
N LEU A 605 -6.28 -23.81 41.62
CA LEU A 605 -5.46 -22.61 41.81
C LEU A 605 -6.32 -21.40 42.14
N THR A 606 -7.54 -21.36 41.62
CA THR A 606 -8.41 -20.24 41.94
C THR A 606 -8.74 -20.23 43.42
N ASP A 607 -8.88 -19.04 43.98
CA ASP A 607 -9.38 -18.93 45.35
C ASP A 607 -10.82 -19.40 45.44
N ILE A 608 -11.70 -18.86 44.61
CA ILE A 608 -13.12 -19.11 44.82
C ILE A 608 -13.45 -20.55 44.45
N PRO A 609 -14.00 -21.35 45.37
CA PRO A 609 -14.11 -22.79 45.13
C PRO A 609 -14.99 -23.15 43.95
N LEU A 610 -14.60 -24.24 43.28
CA LEU A 610 -15.44 -24.84 42.26
C LEU A 610 -16.55 -25.64 42.93
N ARG A 611 -17.80 -25.43 42.47
CA ARG A 611 -18.91 -26.01 43.20
C ARG A 611 -19.00 -27.51 42.97
N ILE A 612 -19.14 -28.25 44.07
CA ILE A 612 -18.98 -29.70 44.10
C ILE A 612 -20.32 -30.33 43.82
N ARG A 613 -20.58 -30.66 42.55
CA ARG A 613 -21.77 -31.43 42.24
C ARG A 613 -21.47 -32.79 41.61
N SER A 614 -20.71 -32.78 40.53
CA SER A 614 -20.50 -33.98 39.74
C SER A 614 -19.18 -33.90 39.00
N PHE A 615 -18.88 -34.97 38.26
CA PHE A 615 -17.67 -35.09 37.48
C PHE A 615 -17.74 -36.40 36.71
N HIS A 616 -17.04 -36.47 35.60
CA HIS A 616 -16.90 -37.70 34.85
C HIS A 616 -15.47 -37.80 34.34
N VAL A 617 -14.94 -39.01 34.31
CA VAL A 617 -13.71 -39.31 33.58
C VAL A 617 -14.05 -40.35 32.52
N ILE A 618 -13.59 -40.11 31.30
CA ILE A 618 -13.82 -41.06 30.23
C ILE A 618 -12.65 -42.03 30.18
N LEU A 619 -12.95 -43.32 30.27
CA LEU A 619 -11.95 -44.36 30.43
C LEU A 619 -11.02 -44.38 29.23
N ALA A 620 -9.73 -44.13 29.48
CA ALA A 620 -8.75 -44.01 28.41
C ALA A 620 -8.64 -45.29 27.60
N ASP A 621 -8.48 -45.12 26.30
CA ASP A 621 -8.38 -46.25 25.38
C ASP A 621 -6.95 -46.74 25.20
N ALA A 622 -5.99 -46.21 25.95
CA ALA A 622 -4.61 -46.65 25.82
C ALA A 622 -4.51 -48.14 26.09
N GLY A 623 -4.19 -48.89 25.05
CA GLY A 623 -4.33 -50.34 25.11
C GLY A 623 -5.79 -50.71 24.89
N ASN A 624 -6.39 -51.30 25.92
CA ASN A 624 -7.82 -51.58 25.87
C ASN A 624 -8.61 -50.28 26.06
N PRO A 625 -9.90 -50.26 25.69
CA PRO A 625 -10.66 -49.01 25.77
C PRO A 625 -10.79 -48.45 27.18
N GLN A 626 -10.56 -49.26 28.21
CA GLN A 626 -10.65 -48.75 29.57
C GLN A 626 -9.29 -48.80 30.26
N SER A 676 -5.95 -26.25 48.77
CA SER A 676 -7.32 -26.71 49.00
C SER A 676 -7.65 -27.81 48.02
N TYR A 677 -7.62 -29.06 48.48
CA TYR A 677 -7.83 -30.18 47.58
C TYR A 677 -9.20 -30.80 47.85
N TYR A 678 -9.78 -31.41 46.82
CA TYR A 678 -11.05 -32.10 46.96
C TYR A 678 -10.83 -33.57 46.63
N GLN A 679 -11.01 -34.43 47.63
CA GLN A 679 -10.97 -35.86 47.42
C GLN A 679 -12.28 -36.50 47.85
N LEU A 680 -12.82 -37.36 47.01
CA LEU A 680 -14.22 -37.74 47.08
C LEU A 680 -14.40 -39.21 46.76
N PHE A 681 -15.63 -39.58 46.45
CA PHE A 681 -16.10 -40.96 46.38
C PHE A 681 -16.32 -41.47 44.97
N CYS A 682 -15.88 -40.72 43.94
CA CYS A 682 -16.24 -41.06 42.57
C CYS A 682 -15.76 -42.46 42.18
N SER A 683 -14.44 -42.67 42.14
CA SER A 683 -13.84 -44.01 42.15
C SER A 683 -14.38 -44.92 41.05
N THR A 684 -14.07 -44.58 39.80
CA THR A 684 -14.71 -45.24 38.67
C THR A 684 -14.28 -46.71 38.54
N GLU A 685 -12.98 -47.00 38.55
CA GLU A 685 -12.46 -48.31 38.13
C GLU A 685 -12.59 -49.33 39.25
N ALA A 686 -13.25 -50.44 38.92
CA ALA A 686 -13.46 -51.52 39.88
C ALA A 686 -13.45 -52.91 39.24
N GLN A 687 -12.85 -53.08 38.06
CA GLN A 687 -12.95 -54.32 37.32
C GLN A 687 -11.59 -54.80 36.82
N GLN A 688 -11.61 -55.90 36.05
CA GLN A 688 -10.39 -56.54 35.59
C GLN A 688 -10.34 -56.64 34.07
N PHE A 689 -9.16 -56.40 33.51
CA PHE A 689 -8.90 -56.59 32.08
C PHE A 689 -7.49 -57.14 31.88
N HIS A 690 -7.00 -57.03 30.64
CA HIS A 690 -5.68 -57.52 30.30
C HIS A 690 -4.57 -56.62 30.85
N GLU A 691 -3.41 -57.22 31.11
CA GLU A 691 -2.30 -56.56 31.77
C GLU A 691 -1.54 -55.63 30.82
N ASN A 692 -0.42 -55.12 31.32
CA ASN A 692 0.43 -54.17 30.59
C ASN A 692 -0.39 -53.03 30.02
N THR A 693 -1.26 -52.48 30.85
CA THR A 693 -2.24 -51.49 30.44
C THR A 693 -1.85 -50.12 31.00
N GLN A 694 -1.96 -49.10 30.16
CA GLN A 694 -1.66 -47.73 30.53
C GLN A 694 -2.90 -46.88 30.29
N LEU A 695 -2.94 -45.70 30.89
CA LEU A 695 -4.09 -44.83 30.85
C LEU A 695 -3.62 -43.40 30.58
N ARG A 696 -4.53 -42.58 30.04
CA ARG A 696 -4.21 -41.22 29.63
C ARG A 696 -5.50 -40.45 29.36
N ILE A 697 -5.64 -39.29 29.98
CA ILE A 697 -6.92 -38.59 30.04
C ILE A 697 -6.95 -37.51 28.99
N VAL A 698 -8.03 -37.51 28.20
CA VAL A 698 -8.20 -36.50 27.17
C VAL A 698 -8.56 -35.16 27.79
N ARG A 699 -9.72 -35.09 28.44
CA ARG A 699 -10.18 -33.86 29.07
C ARG A 699 -10.84 -34.20 30.40
N LEU A 700 -11.05 -33.17 31.22
CA LEU A 700 -11.56 -33.38 32.57
C LEU A 700 -12.96 -33.96 32.56
N GLU A 701 -13.78 -33.56 31.58
CA GLU A 701 -15.23 -33.67 31.71
C GLU A 701 -15.67 -33.09 33.05
N ALA A 702 -15.23 -31.87 33.29
CA ALA A 702 -15.32 -31.23 34.60
C ALA A 702 -16.76 -30.84 34.89
N HIS A 703 -17.48 -31.70 35.59
CA HIS A 703 -18.87 -31.43 35.94
C HIS A 703 -19.00 -30.86 37.37
N MET A 704 -17.94 -30.21 37.81
CA MET A 704 -17.94 -29.52 39.09
C MET A 704 -18.33 -28.08 38.83
N GLY A 705 -19.56 -27.72 39.20
CA GLY A 705 -20.06 -26.39 38.89
C GLY A 705 -20.37 -26.19 37.42
N THR A 706 -19.37 -26.38 36.57
CA THR A 706 -19.51 -26.30 35.12
C THR A 706 -19.77 -27.68 34.56
N ASP A 707 -19.99 -27.75 33.24
CA ASP A 707 -20.17 -29.04 32.60
C ASP A 707 -18.84 -29.61 32.13
N GLN A 708 -18.04 -28.81 31.45
CA GLN A 708 -16.75 -29.26 30.94
C GLN A 708 -15.89 -28.05 30.63
N VAL A 709 -14.56 -28.25 30.71
CA VAL A 709 -13.61 -27.15 30.59
C VAL A 709 -13.50 -26.58 29.18
N ALA A 710 -13.55 -27.42 28.14
CA ALA A 710 -13.54 -27.00 26.74
C ALA A 710 -12.16 -26.43 26.43
N ALA A 711 -11.26 -26.28 27.39
CA ALA A 711 -9.91 -25.85 27.12
C ALA A 711 -8.94 -26.90 27.63
N LEU A 712 -7.93 -27.20 26.81
CA LEU A 712 -7.04 -28.32 27.08
C LEU A 712 -5.88 -27.92 27.97
N LEU A 713 -6.16 -27.73 29.26
CA LEU A 713 -5.16 -27.90 30.29
C LEU A 713 -5.37 -29.18 31.09
N THR A 714 -6.28 -30.04 30.64
CA THR A 714 -6.36 -31.40 31.14
C THR A 714 -5.19 -32.17 30.56
N CYS A 715 -4.04 -32.07 31.21
CA CYS A 715 -2.85 -32.66 30.66
C CYS A 715 -3.00 -34.17 30.56
N SER A 716 -2.45 -34.72 29.48
CA SER A 716 -2.42 -36.16 29.31
C SER A 716 -1.35 -36.76 30.21
N SER A 717 -0.09 -36.36 30.00
CA SER A 717 0.97 -36.78 30.89
C SER A 717 1.83 -35.59 31.27
N ASN A 718 1.96 -35.35 32.58
CA ASN A 718 2.77 -34.24 33.06
C ASN A 718 4.25 -34.61 33.06
#